data_3RL7
#
_entry.id   3RL7
#
_cell.length_a   105.627
_cell.length_b   105.627
_cell.length_c   50.830
_cell.angle_alpha   90.000
_cell.angle_beta   90.000
_cell.angle_gamma   120.000
#
_symmetry.space_group_name_H-M   'P 3'
#
loop_
_entity.id
_entity.type
_entity.pdbx_description
1 polymer 'Disks large homolog 1'
2 polymer '11-mer peptide from Adenomatous polyposis coli protein'
3 water water
#
loop_
_entity_poly.entity_id
_entity_poly.type
_entity_poly.pdbx_seq_one_letter_code
_entity_poly.pdbx_strand_id
1 'polypeptide(L)'
;MGHHHHHHMYEYEEITLERGNSGLGFSIAGGTDNPHIGDDSSIFITKIITGGAAAQDGRLRVNDCILRVNEVDVRDVTHS
KAVEALKEAGSIVRLYVKRRKPVSEKI
;
B,A,C,D,E,F
2 'polypeptide(L)' RHSGSYLVTSV G,H,I,J,K,L
#
# COMPACT_ATOMS: atom_id res chain seq x y z
N MET A 9 -3.38 17.12 -20.60
CA MET A 9 -3.40 15.94 -19.70
C MET A 9 -2.75 14.73 -20.38
N TYR A 10 -2.96 13.54 -19.82
CA TYR A 10 -2.53 12.30 -20.48
C TYR A 10 -3.46 11.97 -21.64
N GLU A 11 -3.00 11.09 -22.52
CA GLU A 11 -3.74 10.70 -23.72
C GLU A 11 -3.78 9.18 -23.80
N TYR A 12 -4.93 8.64 -24.22
CA TYR A 12 -5.12 7.20 -24.30
C TYR A 12 -5.37 6.73 -25.73
N GLU A 13 -4.82 5.57 -26.05
CA GLU A 13 -4.74 5.06 -27.42
C GLU A 13 -4.94 3.55 -27.40
N GLU A 14 -5.19 2.97 -28.57
CA GLU A 14 -5.21 1.51 -28.71
C GLU A 14 -4.46 1.10 -29.97
N ILE A 15 -3.51 0.19 -29.78
CA ILE A 15 -2.63 -0.25 -30.85
C ILE A 15 -2.72 -1.77 -31.00
N THR A 16 -3.16 -2.20 -32.18
CA THR A 16 -3.29 -3.62 -32.50
C THR A 16 -2.13 -4.06 -33.38
N LEU A 17 -1.31 -4.97 -32.85
CA LEU A 17 -0.17 -5.50 -33.59
C LEU A 17 -0.37 -6.97 -33.89
N GLU A 18 0.09 -7.39 -35.08
CA GLU A 18 0.27 -8.80 -35.39
C GLU A 18 1.70 -9.17 -35.01
N ARG A 19 1.82 -10.23 -34.23
CA ARG A 19 3.11 -10.74 -33.79
C ARG A 19 3.91 -11.22 -35.00
N GLY A 20 5.20 -10.88 -35.02
CA GLY A 20 6.11 -11.34 -36.07
C GLY A 20 6.91 -12.56 -35.65
N ASN A 21 7.90 -12.89 -36.46
CA ASN A 21 8.78 -14.03 -36.19
C ASN A 21 9.71 -13.80 -35.00
N SER A 22 10.10 -12.56 -34.78
CA SER A 22 10.86 -12.17 -33.60
C SER A 22 10.01 -11.43 -32.57
N GLY A 23 8.69 -11.67 -32.61
CA GLY A 23 7.78 -11.19 -31.58
C GLY A 23 6.93 -10.00 -31.95
N LEU A 24 6.81 -9.06 -31.02
CA LEU A 24 5.98 -7.87 -31.22
C LEU A 24 6.78 -6.63 -31.62
N GLY A 25 8.10 -6.70 -31.49
CA GLY A 25 9.00 -5.66 -31.99
C GLY A 25 9.34 -4.53 -31.03
N PHE A 26 9.16 -4.77 -29.73
CA PHE A 26 9.51 -3.77 -28.72
C PHE A 26 10.00 -4.39 -27.42
N SER A 27 10.71 -3.58 -26.63
CA SER A 27 11.13 -3.95 -25.29
C SER A 27 10.39 -3.15 -24.23
N ILE A 28 10.27 -3.73 -23.04
CA ILE A 28 9.55 -3.10 -21.94
C ILE A 28 10.37 -3.06 -20.65
N ALA A 29 10.12 -2.05 -19.83
CA ALA A 29 10.66 -1.99 -18.47
C ALA A 29 9.54 -1.68 -17.49
N GLY A 30 9.88 -1.61 -16.20
CA GLY A 30 8.92 -1.24 -15.18
C GLY A 30 8.18 -2.42 -14.57
N GLY A 31 7.12 -2.11 -13.85
CA GLY A 31 6.40 -3.09 -13.04
C GLY A 31 6.50 -2.73 -11.56
N THR A 32 5.75 -3.46 -10.73
CA THR A 32 5.66 -3.18 -9.29
C THR A 32 6.89 -3.62 -8.50
N ASP A 33 7.65 -4.56 -9.05
CA ASP A 33 8.85 -5.09 -8.40
C ASP A 33 10.12 -4.48 -8.99
N ASN A 34 9.95 -3.63 -10.00
CA ASN A 34 11.07 -2.98 -10.68
C ASN A 34 11.42 -1.63 -10.07
N PRO A 35 12.73 -1.32 -9.99
CA PRO A 35 13.25 -0.01 -9.61
C PRO A 35 12.39 1.11 -10.18
N HIS A 36 11.82 1.90 -9.27
CA HIS A 36 10.87 2.97 -9.59
C HIS A 36 9.53 2.44 -10.10
N ASP A 40 4.68 6.30 -10.04
CA ASP A 40 4.27 5.46 -11.16
C ASP A 40 5.13 4.21 -11.23
N SER A 41 4.48 3.04 -11.25
CA SER A 41 5.16 1.75 -11.35
C SER A 41 4.84 1.06 -12.67
N SER A 42 4.23 1.82 -13.60
CA SER A 42 3.68 1.25 -14.83
C SER A 42 4.70 0.61 -15.76
N ILE A 43 4.24 -0.41 -16.48
CA ILE A 43 4.98 -1.03 -17.57
C ILE A 43 5.09 -0.03 -18.71
N PHE A 44 6.30 0.14 -19.25
CA PHE A 44 6.53 1.09 -20.32
C PHE A 44 7.51 0.59 -21.39
N ILE A 45 7.41 1.19 -22.57
CA ILE A 45 8.26 0.85 -23.71
C ILE A 45 9.64 1.51 -23.56
N THR A 46 10.68 0.76 -23.87
CA THR A 46 12.06 1.25 -23.77
C THR A 46 12.75 1.27 -25.13
N LYS A 47 12.31 0.37 -26.01
CA LYS A 47 12.90 0.20 -27.33
C LYS A 47 11.83 -0.18 -28.34
N ILE A 48 11.89 0.46 -29.51
CA ILE A 48 11.13 0.01 -30.66
C ILE A 48 12.19 -0.51 -31.64
N ILE A 49 12.08 -1.79 -31.99
CA ILE A 49 13.06 -2.43 -32.88
C ILE A 49 12.78 -1.98 -34.31
N THR A 50 13.83 -1.88 -35.12
CA THR A 50 13.68 -1.45 -36.51
C THR A 50 13.13 -2.58 -37.39
N GLY A 51 12.09 -2.26 -38.15
CA GLY A 51 11.42 -3.24 -39.01
C GLY A 51 10.43 -4.12 -38.26
N GLY A 52 10.40 -4.01 -36.94
CA GLY A 52 9.50 -4.80 -36.10
C GLY A 52 8.04 -4.46 -36.30
N ALA A 53 7.17 -5.35 -35.84
CA ALA A 53 5.72 -5.17 -35.99
C ALA A 53 5.26 -3.81 -35.46
N ALA A 54 5.72 -3.45 -34.26
CA ALA A 54 5.40 -2.16 -33.65
C ALA A 54 5.87 -0.98 -34.50
N ALA A 55 7.09 -1.09 -35.03
CA ALA A 55 7.67 -0.07 -35.89
C ALA A 55 6.94 0.01 -37.24
N GLN A 56 6.63 -1.16 -37.82
CA GLN A 56 5.89 -1.21 -39.08
C GLN A 56 4.49 -0.62 -38.94
N ASP A 57 3.84 -0.89 -37.83
CA ASP A 57 2.57 -0.24 -37.51
C ASP A 57 2.74 1.27 -37.32
N GLY A 58 3.69 1.66 -36.48
CA GLY A 58 4.10 3.07 -36.36
C GLY A 58 3.32 3.95 -35.39
N ARG A 59 2.55 3.34 -34.48
CA ARG A 59 1.82 4.10 -33.47
C ARG A 59 2.51 4.10 -32.10
N LEU A 60 3.09 2.96 -31.75
CA LEU A 60 3.72 2.78 -30.43
C LEU A 60 5.01 3.58 -30.32
N ARG A 61 5.12 4.34 -29.22
CA ARG A 61 6.30 5.17 -28.94
C ARG A 61 7.02 4.67 -27.70
N VAL A 62 8.33 4.89 -27.65
CA VAL A 62 9.10 4.72 -26.42
C VAL A 62 8.54 5.70 -25.39
N ASN A 63 8.41 5.23 -24.15
CA ASN A 63 7.83 5.99 -23.02
C ASN A 63 6.33 5.78 -22.84
N ASP A 64 5.68 5.16 -23.82
CA ASP A 64 4.27 4.77 -23.71
C ASP A 64 4.09 3.79 -22.56
N CYS A 65 2.98 3.94 -21.82
CA CYS A 65 2.64 3.01 -20.75
C CYS A 65 1.57 2.03 -21.21
N ILE A 66 1.87 0.73 -21.09
CA ILE A 66 0.89 -0.31 -21.41
C ILE A 66 0.01 -0.57 -20.20
N LEU A 67 -1.30 -0.37 -20.38
CA LEU A 67 -2.26 -0.54 -19.28
C LEU A 67 -2.97 -1.90 -19.34
N ARG A 68 -3.09 -2.45 -20.55
CA ARG A 68 -3.82 -3.69 -20.76
C ARG A 68 -3.34 -4.44 -22.00
N VAL A 69 -3.21 -5.75 -21.88
CA VAL A 69 -2.87 -6.62 -23.00
C VAL A 69 -4.02 -7.59 -23.21
N ASN A 70 -4.73 -7.42 -24.34
CA ASN A 70 -5.98 -8.13 -24.61
C ASN A 70 -7.00 -7.92 -23.47
N GLU A 71 -7.29 -8.98 -22.71
CA GLU A 71 -8.17 -8.84 -21.56
C GLU A 71 -7.42 -8.74 -20.23
N VAL A 72 -6.08 -8.83 -20.29
CA VAL A 72 -5.24 -8.88 -19.09
C VAL A 72 -4.80 -7.49 -18.63
N ASP A 73 -5.19 -7.14 -17.41
CA ASP A 73 -4.83 -5.86 -16.80
C ASP A 73 -3.40 -5.92 -16.24
N VAL A 74 -2.55 -5.00 -16.69
CA VAL A 74 -1.13 -4.98 -16.30
C VAL A 74 -0.70 -3.67 -15.61
N ARG A 75 -1.67 -2.95 -15.05
CA ARG A 75 -1.40 -1.67 -14.41
C ARG A 75 -0.59 -1.79 -13.11
N ASP A 76 -0.93 -2.79 -12.29
CA ASP A 76 -0.23 -3.02 -11.02
C ASP A 76 0.18 -4.48 -10.86
N VAL A 77 1.03 -4.95 -11.76
CA VAL A 77 1.54 -6.32 -11.73
C VAL A 77 3.07 -6.37 -11.78
N THR A 78 3.61 -7.55 -11.70
CA THR A 78 5.01 -7.80 -11.80
C THR A 78 5.52 -7.66 -13.22
N HIS A 79 6.78 -7.31 -13.37
CA HIS A 79 7.45 -7.30 -14.67
C HIS A 79 7.20 -8.61 -15.43
N SER A 80 7.39 -9.72 -14.73
CA SER A 80 7.24 -11.06 -15.31
C SER A 80 5.80 -11.42 -15.67
N LYS A 81 4.84 -10.81 -14.98
CA LYS A 81 3.42 -11.01 -15.27
C LYS A 81 2.99 -10.22 -16.52
N ALA A 82 3.64 -9.08 -16.73
CA ALA A 82 3.43 -8.30 -17.95
C ALA A 82 4.10 -8.99 -19.14
N VAL A 83 5.32 -9.51 -18.92
CA VAL A 83 6.02 -10.29 -19.94
C VAL A 83 5.16 -11.51 -20.32
N GLU A 84 4.63 -12.20 -19.32
CA GLU A 84 3.75 -13.35 -19.51
C GLU A 84 2.52 -12.99 -20.34
N ALA A 85 1.88 -11.88 -20.00
CA ALA A 85 0.71 -11.39 -20.73
C ALA A 85 1.03 -11.11 -22.20
N LEU A 86 2.17 -10.49 -22.46
CA LEU A 86 2.57 -10.11 -23.82
C LEU A 86 2.98 -11.29 -24.71
N LYS A 87 3.50 -12.34 -24.07
CA LYS A 87 4.00 -13.53 -24.77
C LYS A 87 2.86 -14.53 -25.07
N GLU A 88 1.87 -14.57 -24.18
CA GLU A 88 0.71 -15.47 -24.30
C GLU A 88 -0.42 -14.91 -25.16
N ALA A 89 -0.30 -13.65 -25.56
CA ALA A 89 -1.43 -12.88 -26.08
C ALA A 89 -2.00 -13.33 -27.43
N GLY A 90 -1.27 -14.18 -28.14
CA GLY A 90 -1.71 -14.70 -29.43
C GLY A 90 -1.09 -13.95 -30.61
N SER A 91 -1.68 -14.14 -31.79
CA SER A 91 -1.17 -13.55 -33.02
C SER A 91 -1.49 -12.06 -33.16
N ILE A 92 -2.72 -11.68 -32.83
CA ILE A 92 -3.13 -10.27 -32.82
C ILE A 92 -3.24 -9.81 -31.37
N VAL A 93 -2.59 -8.69 -31.08
CA VAL A 93 -2.48 -8.21 -29.71
C VAL A 93 -2.95 -6.77 -29.59
N ARG A 94 -3.92 -6.56 -28.70
CA ARG A 94 -4.47 -5.24 -28.45
C ARG A 94 -3.72 -4.59 -27.27
N LEU A 95 -3.00 -3.51 -27.57
CA LEU A 95 -2.24 -2.78 -26.55
C LEU A 95 -2.94 -1.47 -26.20
N TYR A 96 -3.36 -1.37 -24.94
CA TYR A 96 -4.01 -0.18 -24.44
C TYR A 96 -2.98 0.66 -23.70
N VAL A 97 -2.53 1.74 -24.34
CA VAL A 97 -1.45 2.55 -23.82
C VAL A 97 -1.92 3.93 -23.35
N LYS A 98 -1.07 4.61 -22.58
CA LYS A 98 -1.23 6.03 -22.31
C LYS A 98 0.10 6.75 -22.48
N ARG A 99 0.05 8.02 -22.88
CA ARG A 99 1.30 8.76 -23.12
C ARG A 99 1.20 10.25 -22.86
N ARG A 100 2.39 10.86 -22.73
CA ARG A 100 2.55 12.30 -22.71
C ARG A 100 2.83 12.78 -24.13
N TYR B 10 -12.88 -10.83 -17.10
CA TYR B 10 -13.39 -9.43 -17.15
C TYR B 10 -13.69 -8.95 -18.56
N GLU B 11 -14.79 -8.21 -18.70
CA GLU B 11 -15.13 -7.52 -19.93
C GLU B 11 -14.85 -6.03 -19.81
N TYR B 12 -14.41 -5.43 -20.91
CA TYR B 12 -14.13 -4.00 -20.96
C TYR B 12 -15.02 -3.33 -22.01
N GLU B 13 -15.77 -2.33 -21.57
CA GLU B 13 -16.78 -1.68 -22.38
C GLU B 13 -16.63 -0.16 -22.35
N GLU B 14 -16.99 0.49 -23.45
CA GLU B 14 -17.03 1.96 -23.50
C GLU B 14 -18.46 2.42 -23.71
N ILE B 15 -18.88 3.36 -22.87
CA ILE B 15 -20.23 3.90 -22.89
C ILE B 15 -20.19 5.43 -22.88
N THR B 16 -20.67 6.01 -23.98
CA THR B 16 -20.81 7.46 -24.08
C THR B 16 -22.23 7.85 -23.68
N LEU B 17 -22.33 8.84 -22.79
CA LEU B 17 -23.64 9.34 -22.33
C LEU B 17 -23.76 10.85 -22.53
N GLU B 18 -24.95 11.31 -22.88
CA GLU B 18 -25.26 12.74 -22.82
C GLU B 18 -25.85 13.06 -21.45
N ARG B 19 -25.39 14.14 -20.83
CA ARG B 19 -25.92 14.56 -19.53
C ARG B 19 -27.37 15.01 -19.68
N GLY B 20 -28.24 14.46 -18.83
CA GLY B 20 -29.64 14.84 -18.80
C GLY B 20 -29.89 15.97 -17.82
N ASN B 21 -31.15 16.41 -17.74
CA ASN B 21 -31.56 17.44 -16.78
C ASN B 21 -31.22 17.09 -15.33
N SER B 22 -31.44 15.82 -14.98
CA SER B 22 -31.10 15.32 -13.65
C SER B 22 -29.85 14.44 -13.68
N GLY B 23 -28.89 14.83 -14.50
CA GLY B 23 -27.59 14.15 -14.55
C GLY B 23 -27.55 12.86 -15.35
N LEU B 24 -26.53 12.05 -15.08
CA LEU B 24 -26.26 10.83 -15.84
C LEU B 24 -27.23 9.68 -15.58
N GLY B 25 -27.95 9.74 -14.47
CA GLY B 25 -28.97 8.75 -14.14
C GLY B 25 -28.44 7.48 -13.49
N PHE B 26 -27.32 7.59 -12.78
CA PHE B 26 -26.79 6.46 -12.00
C PHE B 26 -26.09 6.89 -10.71
N SER B 27 -25.89 5.92 -9.81
CA SER B 27 -25.22 6.16 -8.54
C SER B 27 -23.94 5.35 -8.44
N ILE B 28 -22.95 5.89 -7.75
CA ILE B 28 -21.69 5.20 -7.55
C ILE B 28 -21.36 5.03 -6.07
N ALA B 29 -20.88 3.83 -5.75
CA ALA B 29 -20.25 3.55 -4.46
C ALA B 29 -18.80 3.19 -4.76
N GLY B 30 -17.99 3.07 -3.72
CA GLY B 30 -16.59 2.69 -3.88
C GLY B 30 -15.63 3.84 -3.65
N GLY B 31 -14.37 3.61 -3.99
CA GLY B 31 -13.30 4.57 -3.71
C GLY B 31 -12.34 4.00 -2.68
N THR B 32 -11.13 4.58 -2.62
CA THR B 32 -10.08 4.09 -1.73
C THR B 32 -10.39 4.30 -0.24
N ASP B 33 -11.32 5.22 0.03
CA ASP B 33 -11.69 5.58 1.40
C ASP B 33 -13.02 4.96 1.85
N ASN B 34 -13.61 4.12 1.00
CA ASN B 34 -14.89 3.48 1.28
C ASN B 34 -14.75 1.99 1.62
N PRO B 35 -15.57 1.52 2.58
CA PRO B 35 -15.64 0.10 2.96
C PRO B 35 -16.04 -0.80 1.79
N HIS B 36 -15.46 -1.99 1.76
CA HIS B 36 -15.62 -2.95 0.67
C HIS B 36 -15.08 -4.30 1.11
N ILE B 37 -15.52 -5.37 0.46
CA ILE B 37 -14.93 -6.68 0.71
C ILE B 37 -13.77 -6.93 -0.25
N GLY B 38 -12.63 -7.32 0.32
CA GLY B 38 -11.47 -7.74 -0.47
C GLY B 38 -10.44 -6.64 -0.73
N ASP B 39 -9.67 -6.85 -1.78
CA ASP B 39 -8.67 -5.88 -2.25
C ASP B 39 -9.33 -4.89 -3.20
N ASP B 40 -10.65 -5.06 -3.38
CA ASP B 40 -11.46 -4.35 -4.38
C ASP B 40 -12.00 -2.99 -3.91
N SER B 41 -11.25 -1.92 -4.16
CA SER B 41 -11.67 -0.58 -3.71
C SER B 41 -12.28 0.29 -4.82
N SER B 42 -12.54 -0.32 -5.97
CA SER B 42 -12.96 0.41 -7.17
C SER B 42 -14.36 1.03 -7.09
N ILE B 43 -14.55 2.08 -7.88
CA ILE B 43 -15.84 2.74 -8.06
C ILE B 43 -16.77 1.81 -8.84
N PHE B 44 -18.01 1.66 -8.37
CA PHE B 44 -18.97 0.81 -9.06
C PHE B 44 -20.41 1.32 -9.01
N ILE B 45 -21.20 0.90 -9.99
CA ILE B 45 -22.60 1.30 -10.11
C ILE B 45 -23.45 0.54 -9.10
N THR B 46 -24.33 1.27 -8.42
CA THR B 46 -25.23 0.68 -7.43
C THR B 46 -26.68 0.78 -7.88
N LYS B 47 -26.97 1.81 -8.67
CA LYS B 47 -28.31 2.06 -9.15
C LYS B 47 -28.26 2.79 -10.49
N ILE B 48 -29.19 2.43 -11.36
CA ILE B 48 -29.45 3.14 -12.60
C ILE B 48 -30.92 3.54 -12.59
N ILE B 49 -31.17 4.84 -12.74
CA ILE B 49 -32.50 5.42 -12.55
C ILE B 49 -33.38 5.24 -13.78
N THR B 50 -34.62 4.78 -13.57
CA THR B 50 -35.62 4.63 -14.62
C THR B 50 -35.80 5.94 -15.41
N GLY B 51 -35.52 5.89 -16.71
CA GLY B 51 -35.70 7.04 -17.58
C GLY B 51 -34.56 8.06 -17.48
N GLY B 52 -33.44 7.64 -16.91
CA GLY B 52 -32.24 8.47 -16.84
C GLY B 52 -31.37 8.22 -18.06
N ALA B 53 -30.38 9.08 -18.27
CA ALA B 53 -29.51 8.99 -19.45
C ALA B 53 -28.89 7.59 -19.61
N ALA B 54 -28.42 7.01 -18.51
CA ALA B 54 -27.79 5.68 -18.51
C ALA B 54 -28.72 4.54 -18.92
N ALA B 55 -29.94 4.55 -18.38
CA ALA B 55 -30.95 3.53 -18.71
C ALA B 55 -31.42 3.67 -20.16
N GLN B 56 -31.50 4.92 -20.63
CA GLN B 56 -31.89 5.20 -22.01
C GLN B 56 -30.84 4.73 -23.00
N ASP B 57 -29.57 4.97 -22.67
CA ASP B 57 -28.47 4.41 -23.43
C ASP B 57 -28.53 2.88 -23.42
N GLY B 58 -28.85 2.31 -22.26
CA GLY B 58 -29.17 0.90 -22.13
C GLY B 58 -28.01 -0.07 -21.99
N ARG B 59 -26.79 0.45 -21.95
CA ARG B 59 -25.60 -0.42 -21.87
C ARG B 59 -25.06 -0.62 -20.46
N LEU B 60 -25.14 0.43 -19.65
CA LEU B 60 -24.60 0.43 -18.29
C LEU B 60 -25.43 -0.47 -17.37
N ARG B 61 -24.76 -1.26 -16.53
CA ARG B 61 -25.43 -2.14 -15.58
C ARG B 61 -24.95 -1.89 -14.16
N VAL B 62 -25.80 -2.19 -13.18
CA VAL B 62 -25.43 -2.13 -11.76
C VAL B 62 -24.26 -3.07 -11.53
N ASN B 63 -23.33 -2.61 -10.71
CA ASN B 63 -22.10 -3.31 -10.38
C ASN B 63 -20.93 -3.06 -11.29
N ASP B 64 -21.15 -2.26 -12.33
CA ASP B 64 -20.09 -1.87 -13.25
C ASP B 64 -18.97 -1.14 -12.53
N CYS B 65 -17.73 -1.47 -12.87
CA CYS B 65 -16.60 -0.75 -12.32
C CYS B 65 -16.09 0.28 -13.32
N ILE B 66 -16.20 1.55 -12.95
CA ILE B 66 -15.68 2.64 -13.77
C ILE B 66 -14.18 2.79 -13.52
N LEU B 67 -13.40 2.59 -14.57
CA LEU B 67 -11.94 2.74 -14.51
C LEU B 67 -11.52 4.14 -14.94
N ARG B 68 -12.38 4.83 -15.68
CA ARG B 68 -12.02 6.07 -16.33
C ARG B 68 -13.23 6.91 -16.76
N VAL B 69 -13.11 8.22 -16.55
CA VAL B 69 -14.15 9.18 -16.92
C VAL B 69 -13.51 10.21 -17.86
N ASN B 70 -13.94 10.22 -19.12
CA ASN B 70 -13.26 11.01 -20.16
C ASN B 70 -11.76 10.74 -20.15
N GLU B 71 -10.93 11.75 -19.89
CA GLU B 71 -9.48 11.55 -19.81
C GLU B 71 -8.95 11.48 -18.36
N VAL B 72 -9.86 11.46 -17.39
CA VAL B 72 -9.50 11.39 -15.98
C VAL B 72 -9.61 9.97 -15.41
N ASP B 73 -8.48 9.44 -14.94
CA ASP B 73 -8.40 8.12 -14.32
C ASP B 73 -9.07 8.16 -12.94
N VAL B 74 -9.86 7.12 -12.63
CA VAL B 74 -10.60 7.05 -11.37
C VAL B 74 -10.46 5.71 -10.66
N ARG B 75 -9.46 4.92 -11.06
CA ARG B 75 -9.28 3.59 -10.53
C ARG B 75 -8.60 3.57 -9.15
N ASP B 76 -7.82 4.60 -8.83
CA ASP B 76 -7.23 4.72 -7.49
C ASP B 76 -7.49 6.08 -6.82
N VAL B 77 -8.75 6.45 -6.72
CA VAL B 77 -9.13 7.71 -6.07
C VAL B 77 -10.18 7.51 -4.98
N THR B 78 -10.28 8.50 -4.09
CA THR B 78 -11.32 8.54 -3.07
C THR B 78 -12.70 8.69 -3.72
N HIS B 79 -13.75 8.40 -2.95
CA HIS B 79 -15.12 8.52 -3.46
C HIS B 79 -15.43 9.92 -4.00
N SER B 80 -14.86 10.93 -3.35
CA SER B 80 -15.09 12.33 -3.69
C SER B 80 -14.41 12.79 -4.99
N LYS B 81 -13.24 12.20 -5.29
CA LYS B 81 -12.52 12.51 -6.53
C LYS B 81 -13.25 11.96 -7.75
N ALA B 82 -13.85 10.78 -7.59
CA ALA B 82 -14.61 10.14 -8.66
C ALA B 82 -15.99 10.75 -8.86
N VAL B 83 -16.53 11.35 -7.81
CA VAL B 83 -17.80 12.08 -7.89
C VAL B 83 -17.61 13.39 -8.67
N GLU B 84 -16.57 14.13 -8.29
CA GLU B 84 -16.18 15.38 -8.95
C GLU B 84 -15.85 15.18 -10.43
N ALA B 85 -15.09 14.13 -10.73
CA ALA B 85 -14.73 13.78 -12.11
C ALA B 85 -15.98 13.54 -12.97
N LEU B 86 -16.98 12.87 -12.39
CA LEU B 86 -18.24 12.61 -13.08
C LEU B 86 -19.12 13.86 -13.18
N LYS B 87 -18.97 14.78 -12.23
CA LYS B 87 -19.72 16.05 -12.25
C LYS B 87 -19.10 17.11 -13.16
N GLU B 88 -17.78 17.09 -13.30
CA GLU B 88 -17.04 18.08 -14.06
C GLU B 88 -16.81 17.69 -15.53
N ALA B 89 -17.28 16.50 -15.90
CA ALA B 89 -16.95 15.89 -17.20
C ALA B 89 -17.69 16.49 -18.41
N GLY B 90 -18.69 17.32 -18.17
CA GLY B 90 -19.39 18.01 -19.25
C GLY B 90 -20.65 17.33 -19.75
N SER B 91 -21.05 17.69 -20.97
CA SER B 91 -22.33 17.26 -21.55
C SER B 91 -22.29 15.88 -22.18
N ILE B 92 -21.10 15.45 -22.59
CA ILE B 92 -20.87 14.14 -23.22
C ILE B 92 -19.76 13.41 -22.48
N VAL B 93 -20.07 12.22 -21.97
CA VAL B 93 -19.19 11.55 -21.03
C VAL B 93 -18.83 10.14 -21.51
N ARG B 94 -17.53 9.88 -21.64
CA ARG B 94 -17.06 8.55 -21.97
C ARG B 94 -16.72 7.80 -20.70
N LEU B 95 -17.49 6.74 -20.45
CA LEU B 95 -17.27 5.87 -19.31
C LEU B 95 -16.57 4.60 -19.77
N TYR B 96 -15.39 4.37 -19.21
CA TYR B 96 -14.64 3.16 -19.46
C TYR B 96 -14.85 2.25 -18.26
N VAL B 97 -15.56 1.15 -18.49
CA VAL B 97 -15.98 0.28 -17.40
C VAL B 97 -15.43 -1.13 -17.52
N LYS B 98 -15.46 -1.87 -16.40
CA LYS B 98 -15.24 -3.31 -16.42
C LYS B 98 -16.38 -4.01 -15.69
N ARG B 99 -16.91 -5.06 -16.31
CA ARG B 99 -18.01 -5.83 -15.72
C ARG B 99 -17.62 -7.28 -15.50
N TYR C 10 17.26 2.11 9.74
CA TYR C 10 16.68 3.46 9.99
C TYR C 10 17.52 4.57 9.35
N GLU C 11 16.91 5.74 9.21
CA GLU C 11 17.55 6.92 8.62
C GLU C 11 17.58 8.04 9.64
N TYR C 12 18.68 8.81 9.64
CA TYR C 12 18.89 9.87 10.63
C TYR C 12 19.13 11.23 9.98
N GLU C 13 18.57 12.27 10.58
CA GLU C 13 18.80 13.65 10.14
C GLU C 13 18.61 14.65 11.28
N GLU C 14 19.39 15.73 11.23
CA GLU C 14 19.21 16.87 12.12
C GLU C 14 18.27 17.88 11.45
N ILE C 15 17.35 18.44 12.25
CA ILE C 15 16.44 19.48 11.76
C ILE C 15 16.51 20.71 12.68
N THR C 16 16.96 21.83 12.12
CA THR C 16 17.05 23.09 12.85
C THR C 16 15.84 23.99 12.55
N LEU C 17 15.16 24.43 13.60
CA LEU C 17 13.96 25.24 13.49
C LEU C 17 14.08 26.55 14.27
N GLU C 18 13.32 27.56 13.85
CA GLU C 18 13.16 28.80 14.63
C GLU C 18 11.76 28.84 15.22
N ARG C 19 11.69 28.99 16.54
CA ARG C 19 10.41 29.10 17.24
C ARG C 19 9.62 30.29 16.70
N GLY C 20 8.37 30.05 16.35
CA GLY C 20 7.48 31.11 15.87
C GLY C 20 6.78 31.80 17.03
N ASN C 21 5.80 32.64 16.70
CA ASN C 21 4.95 33.27 17.70
C ASN C 21 4.16 32.24 18.51
N SER C 22 3.81 31.13 17.88
CA SER C 22 3.15 30.01 18.59
C SER C 22 3.95 28.71 18.50
N GLY C 23 5.10 28.67 19.17
CA GLY C 23 5.92 27.47 19.28
C GLY C 23 6.60 27.05 17.99
N LEU C 24 6.99 25.77 17.94
CA LEU C 24 7.71 25.22 16.79
C LEU C 24 6.77 24.70 15.70
N GLY C 25 5.49 24.59 16.03
CA GLY C 25 4.47 24.22 15.06
C GLY C 25 4.29 22.72 14.85
N PHE C 26 4.42 21.96 15.93
CA PHE C 26 4.13 20.52 15.91
C PHE C 26 3.78 19.98 17.30
N SER C 27 3.00 18.91 17.33
CA SER C 27 2.68 18.21 18.58
C SER C 27 3.47 16.92 18.68
N ILE C 28 3.85 16.56 19.91
CA ILE C 28 4.58 15.32 20.17
C ILE C 28 3.80 14.33 21.03
N ALA C 29 4.15 13.05 20.91
CA ALA C 29 3.64 12.01 21.77
C ALA C 29 4.79 11.12 22.25
N GLY C 30 4.48 10.19 23.16
CA GLY C 30 5.49 9.27 23.66
C GLY C 30 6.12 9.71 24.96
N GLY C 31 7.12 8.95 25.41
CA GLY C 31 7.75 9.14 26.71
C GLY C 31 7.77 7.83 27.48
N THR C 32 8.50 7.81 28.60
CA THR C 32 8.64 6.61 29.42
C THR C 32 7.36 6.27 30.17
N ASP C 33 6.52 7.29 30.36
CA ASP C 33 5.27 7.16 31.11
C ASP C 33 4.05 7.24 30.18
N ASN C 34 4.30 7.25 28.88
CA ASN C 34 3.23 7.49 27.91
C ASN C 34 3.04 6.31 26.95
N PRO C 35 1.86 5.66 27.00
CA PRO C 35 1.51 4.48 26.21
C PRO C 35 1.70 4.71 24.70
N ASP C 40 8.80 0.71 22.31
CA ASP C 40 9.24 1.95 21.68
C ASP C 40 8.63 3.15 22.40
N SER C 41 9.25 3.55 23.48
CA SER C 41 8.78 4.60 24.38
C SER C 41 9.33 5.99 24.02
N SER C 42 9.79 6.13 22.80
CA SER C 42 10.35 7.35 22.27
C SER C 42 9.37 8.49 22.01
N ILE C 43 9.91 9.70 21.89
CA ILE C 43 9.11 10.86 21.55
C ILE C 43 8.79 10.88 20.09
N PHE C 44 7.52 11.04 19.81
CA PHE C 44 6.92 10.94 18.49
C PHE C 44 6.42 12.30 17.98
N ILE C 45 6.45 12.49 16.65
CA ILE C 45 5.71 13.58 16.02
C ILE C 45 4.33 13.04 15.62
N THR C 46 3.27 13.76 15.99
CA THR C 46 1.89 13.35 15.66
C THR C 46 1.14 14.36 14.80
N LYS C 47 1.62 15.61 14.80
CA LYS C 47 0.97 16.67 14.06
C LYS C 47 2.01 17.70 13.61
N ILE C 48 1.83 18.21 12.39
CA ILE C 48 2.58 19.37 11.91
C ILE C 48 1.58 20.48 11.60
N ILE C 49 1.75 21.61 12.28
CA ILE C 49 0.86 22.76 12.12
C ILE C 49 1.10 23.45 10.77
N THR C 50 0.09 23.51 9.94
CA THR C 50 0.24 24.18 8.68
C THR C 50 0.39 25.64 8.97
N GLY C 51 1.39 26.23 8.35
CA GLY C 51 1.77 27.62 8.58
C GLY C 51 2.69 27.80 9.77
N GLY C 52 3.03 26.70 10.44
CA GLY C 52 3.95 26.73 11.57
C GLY C 52 5.41 26.72 11.16
N ALA C 53 6.30 26.68 12.15
CA ALA C 53 7.74 26.67 11.89
C ALA C 53 8.23 25.35 11.29
N ALA C 54 7.65 24.24 11.75
CA ALA C 54 8.02 22.91 11.25
C ALA C 54 7.59 22.70 9.79
N ALA C 55 6.41 23.20 9.44
CA ALA C 55 5.88 23.08 8.08
C ALA C 55 6.69 23.87 7.05
N GLN C 56 7.07 25.10 7.42
CA GLN C 56 7.78 25.98 6.50
C GLN C 56 9.21 25.55 6.20
N ASP C 57 9.84 24.88 7.18
CA ASP C 57 11.13 24.23 6.95
C ASP C 57 10.97 23.01 6.05
N GLY C 58 9.90 22.25 6.28
CA GLY C 58 9.49 21.16 5.40
C GLY C 58 10.26 19.85 5.49
N ARG C 59 11.14 19.73 6.47
CA ARG C 59 11.92 18.51 6.64
C ARG C 59 11.30 17.55 7.66
N LEU C 60 10.65 18.11 8.68
CA LEU C 60 10.05 17.31 9.74
C LEU C 60 8.78 16.61 9.25
N ARG C 61 8.63 15.36 9.64
CA ARG C 61 7.57 14.51 9.13
C ARG C 61 6.81 13.85 10.26
N VAL C 62 5.48 13.78 10.13
CA VAL C 62 4.66 13.07 11.08
C VAL C 62 5.16 11.62 11.16
N ASN C 63 5.28 11.13 12.39
CA ASN C 63 5.80 9.78 12.69
C ASN C 63 7.29 9.75 13.03
N ASP C 64 7.96 10.90 12.92
CA ASP C 64 9.39 10.99 13.24
C ASP C 64 9.66 10.79 14.73
N CYS C 65 10.89 10.39 15.04
CA CYS C 65 11.29 10.19 16.43
C CYS C 65 12.32 11.24 16.84
N ILE C 66 11.97 12.06 17.83
CA ILE C 66 12.91 13.05 18.38
C ILE C 66 13.83 12.36 19.36
N LEU C 67 15.11 12.32 19.04
CA LEU C 67 16.12 11.68 19.88
C LEU C 67 16.74 12.65 20.87
N ARG C 68 16.91 13.90 20.44
CA ARG C 68 17.69 14.88 21.19
C ARG C 68 17.33 16.32 20.78
N VAL C 69 17.26 17.21 21.76
CA VAL C 69 16.94 18.62 21.52
C VAL C 69 18.10 19.50 21.99
N ASN C 70 18.76 20.15 21.03
CA ASN C 70 20.03 20.84 21.27
C ASN C 70 21.04 19.91 21.95
N GLU C 71 21.34 20.12 23.23
CA GLU C 71 22.23 19.17 23.93
C GLU C 71 21.51 18.22 24.88
N VAL C 72 20.18 18.24 24.89
CA VAL C 72 19.39 17.38 25.78
C VAL C 72 18.85 16.14 25.06
N ASP C 73 19.42 14.98 25.42
CA ASP C 73 18.97 13.68 24.93
C ASP C 73 17.63 13.34 25.58
N VAL C 74 16.69 12.86 24.78
CA VAL C 74 15.31 12.64 25.24
C VAL C 74 14.74 11.26 24.89
N ARG C 75 15.63 10.29 24.67
CA ARG C 75 15.21 8.94 24.31
C ARG C 75 14.52 8.21 25.45
N ASP C 76 15.03 8.40 26.67
CA ASP C 76 14.49 7.71 27.84
C ASP C 76 14.07 8.69 28.94
N VAL C 77 13.20 9.63 28.57
CA VAL C 77 12.64 10.60 29.52
C VAL C 77 11.11 10.55 29.50
N THR C 78 10.49 11.11 30.53
CA THR C 78 9.02 11.23 30.58
C THR C 78 8.53 12.21 29.52
N HIS C 79 7.21 12.23 29.30
CA HIS C 79 6.61 13.12 28.31
C HIS C 79 6.91 14.59 28.64
N SER C 80 6.66 14.98 29.89
CA SER C 80 6.82 16.36 30.35
C SER C 80 8.27 16.86 30.29
N LYS C 81 9.23 15.96 30.54
CA LYS C 81 10.65 16.32 30.53
C LYS C 81 11.16 16.59 29.12
N ALA C 82 10.58 15.92 28.13
CA ALA C 82 10.88 16.19 26.73
C ALA C 82 10.21 17.48 26.28
N VAL C 83 8.97 17.66 26.72
CA VAL C 83 8.22 18.90 26.47
C VAL C 83 8.99 20.11 26.99
N GLU C 84 9.49 19.99 28.23
CA GLU C 84 10.34 21.00 28.84
C GLU C 84 11.52 21.36 27.95
N ALA C 85 12.35 20.36 27.62
CA ALA C 85 13.54 20.55 26.81
C ALA C 85 13.26 21.32 25.52
N LEU C 86 12.13 21.02 24.89
CA LEU C 86 11.70 21.71 23.67
C LEU C 86 11.17 23.11 23.96
N LYS C 87 10.37 23.24 25.02
CA LYS C 87 9.87 24.55 25.46
C LYS C 87 11.00 25.46 25.94
N GLU C 88 12.05 24.86 26.52
CA GLU C 88 13.20 25.58 27.06
C GLU C 88 14.35 25.78 26.08
N ALA C 89 14.19 25.25 24.86
CA ALA C 89 15.30 25.12 23.90
C ALA C 89 15.83 26.44 23.31
N GLY C 90 15.08 27.53 23.51
CA GLY C 90 15.47 28.83 22.98
C GLY C 90 14.81 29.16 21.67
N SER C 91 15.44 30.05 20.90
CA SER C 91 14.89 30.51 19.61
C SER C 91 15.27 29.60 18.44
N ILE C 92 16.47 29.04 18.49
CA ILE C 92 16.93 28.06 17.49
C ILE C 92 16.82 26.69 18.12
N VAL C 93 16.21 25.74 17.40
CA VAL C 93 16.06 24.40 17.94
C VAL C 93 16.66 23.34 17.02
N ARG C 94 17.70 22.66 17.52
CA ARG C 94 18.34 21.57 16.82
C ARG C 94 17.69 20.24 17.21
N LEU C 95 16.84 19.73 16.33
CA LEU C 95 16.16 18.45 16.54
C LEU C 95 16.88 17.33 15.80
N TYR C 96 17.21 16.27 16.54
CA TYR C 96 17.85 15.10 15.96
C TYR C 96 16.84 13.97 15.88
N VAL C 97 16.50 13.59 14.65
CA VAL C 97 15.41 12.64 14.41
C VAL C 97 15.86 11.34 13.71
N LYS C 98 15.07 10.28 13.91
CA LYS C 98 15.19 9.05 13.13
C LYS C 98 13.84 8.70 12.52
N ARG C 99 13.84 8.14 11.32
CA ARG C 99 12.58 7.79 10.63
C ARG C 99 12.68 6.58 9.70
N ARG C 100 11.52 5.99 9.41
CA ARG C 100 11.41 4.86 8.50
C ARG C 100 11.68 5.29 7.06
N MET D 9 8.84 18.08 -0.80
CA MET D 9 8.36 16.85 -1.39
C MET D 9 9.45 15.79 -1.28
N TYR D 10 10.50 15.92 -2.06
CA TYR D 10 11.59 14.99 -1.91
C TYR D 10 12.40 15.35 -0.70
N GLU D 11 12.88 14.33 -0.02
CA GLU D 11 13.87 14.53 1.03
C GLU D 11 15.28 14.46 0.42
N TYR D 12 16.16 15.36 0.86
CA TYR D 12 17.50 15.48 0.31
C TYR D 12 18.58 15.05 1.30
N GLU D 13 19.73 14.63 0.77
CA GLU D 13 20.87 14.25 1.61
C GLU D 13 22.18 14.07 0.82
N GLU D 14 23.28 14.34 1.50
CA GLU D 14 24.62 14.00 1.02
C GLU D 14 25.00 12.61 1.55
N ILE D 15 25.66 11.82 0.70
CA ILE D 15 26.21 10.52 1.09
C ILE D 15 27.65 10.41 0.60
N THR D 16 28.58 10.24 1.54
CA THR D 16 30.00 10.10 1.21
C THR D 16 30.42 8.64 1.21
N LEU D 17 31.02 8.19 0.10
CA LEU D 17 31.47 6.82 -0.06
C LEU D 17 32.97 6.72 -0.34
N GLU D 18 33.59 5.66 0.17
CA GLU D 18 34.90 5.23 -0.32
C GLU D 18 34.68 4.10 -1.30
N ARG D 19 35.36 4.18 -2.43
CA ARG D 19 35.25 3.16 -3.48
C ARG D 19 35.90 1.86 -3.03
N GLY D 20 35.20 0.75 -3.25
CA GLY D 20 35.72 -0.58 -2.95
C GLY D 20 36.53 -1.13 -4.11
N ASN D 21 36.89 -2.42 -4.01
CA ASN D 21 37.64 -3.08 -5.09
C ASN D 21 36.80 -3.31 -6.34
N SER D 22 35.49 -3.47 -6.16
CA SER D 22 34.55 -3.55 -7.28
C SER D 22 33.60 -2.34 -7.29
N GLY D 23 34.18 -1.15 -7.35
CA GLY D 23 33.40 0.08 -7.50
C GLY D 23 32.72 0.58 -6.23
N LEU D 24 31.54 1.15 -6.42
CA LEU D 24 30.80 1.79 -5.33
C LEU D 24 29.65 0.94 -4.78
N GLY D 25 29.35 -0.17 -5.47
CA GLY D 25 28.37 -1.15 -4.98
C GLY D 25 26.93 -0.90 -5.40
N PHE D 26 26.72 -0.09 -6.43
CA PHE D 26 25.38 0.15 -6.93
C PHE D 26 25.29 0.27 -8.45
N SER D 27 24.08 0.01 -8.96
CA SER D 27 23.76 0.18 -10.37
C SER D 27 22.91 1.43 -10.55
N ILE D 28 23.00 2.04 -11.72
CA ILE D 28 22.18 3.22 -12.04
C ILE D 28 21.45 3.10 -13.37
N ALA D 29 20.22 3.59 -13.38
CA ALA D 29 19.44 3.74 -14.59
C ALA D 29 19.12 5.21 -14.78
N GLY D 30 18.44 5.53 -15.88
CA GLY D 30 18.02 6.90 -16.14
C GLY D 30 18.99 7.68 -17.01
N GLY D 31 18.82 9.00 -17.03
CA GLY D 31 19.55 9.85 -17.94
C GLY D 31 18.58 10.47 -18.94
N THR D 32 18.98 11.60 -19.51
CA THR D 32 18.14 12.35 -20.46
C THR D 32 17.86 11.58 -21.76
N ASP D 33 18.85 10.83 -22.22
CA ASP D 33 18.75 10.07 -23.46
C ASP D 33 18.11 8.70 -23.26
N ASN D 34 17.83 8.37 -22.00
CA ASN D 34 17.23 7.09 -21.63
C ASN D 34 15.71 7.19 -21.44
N PRO D 35 14.99 6.11 -21.80
CA PRO D 35 13.52 5.99 -21.70
C PRO D 35 12.94 6.36 -20.35
N HIS D 36 11.65 6.69 -20.38
CA HIS D 36 10.96 7.43 -19.31
C HIS D 36 11.71 8.71 -18.96
N ILE D 37 12.37 9.27 -19.97
CA ILE D 37 12.69 10.69 -20.02
C ILE D 37 11.41 11.36 -19.54
N GLY D 38 10.29 10.75 -19.96
CA GLY D 38 8.95 11.01 -19.44
C GLY D 38 8.75 12.43 -18.99
N ASP D 39 8.54 12.61 -17.69
CA ASP D 39 8.66 13.92 -17.09
C ASP D 39 10.01 14.01 -16.38
N ASP D 40 10.48 12.85 -15.91
CA ASP D 40 11.67 12.78 -15.07
C ASP D 40 12.74 11.84 -15.63
N SER D 41 13.81 12.42 -16.15
CA SER D 41 14.91 11.67 -16.75
C SER D 41 16.13 11.57 -15.84
N SER D 42 15.93 11.72 -14.53
CA SER D 42 17.04 11.74 -13.59
C SER D 42 17.67 10.37 -13.36
N ILE D 43 18.97 10.38 -13.09
CA ILE D 43 19.71 9.17 -12.72
C ILE D 43 19.20 8.64 -11.39
N PHE D 44 18.87 7.35 -11.34
CA PHE D 44 18.46 6.74 -10.08
C PHE D 44 19.10 5.37 -9.83
N ILE D 45 19.12 4.96 -8.56
CA ILE D 45 19.66 3.68 -8.13
C ILE D 45 18.66 2.56 -8.42
N THR D 46 19.15 1.45 -8.97
CA THR D 46 18.31 0.30 -9.30
C THR D 46 18.61 -0.90 -8.40
N LYS D 47 19.87 -1.02 -7.99
CA LYS D 47 20.34 -2.16 -7.22
C LYS D 47 21.51 -1.74 -6.33
N ILE D 48 21.55 -2.28 -5.11
CA ILE D 48 22.68 -2.05 -4.21
C ILE D 48 23.28 -3.40 -3.78
N ILE D 49 24.56 -3.58 -4.11
CA ILE D 49 25.27 -4.84 -3.90
C ILE D 49 25.57 -5.09 -2.42
N THR D 50 25.14 -6.25 -1.92
CA THR D 50 25.47 -6.67 -0.56
C THR D 50 26.99 -6.83 -0.41
N GLY D 51 27.54 -6.23 0.64
CA GLY D 51 28.98 -6.19 0.85
C GLY D 51 29.62 -5.00 0.17
N GLY D 52 28.91 -4.42 -0.81
CA GLY D 52 29.37 -3.24 -1.52
C GLY D 52 29.46 -2.02 -0.63
N ALA D 53 30.19 -1.00 -1.11
CA ALA D 53 30.45 0.21 -0.33
C ALA D 53 29.20 1.01 0.03
N ALA D 54 28.18 0.94 -0.83
CA ALA D 54 26.91 1.62 -0.59
C ALA D 54 26.12 0.92 0.51
N ALA D 55 26.08 -0.41 0.46
CA ALA D 55 25.39 -1.24 1.46
C ALA D 55 26.10 -1.22 2.82
N GLN D 56 27.42 -1.04 2.80
CA GLN D 56 28.18 -0.95 4.05
C GLN D 56 27.97 0.40 4.75
N ASP D 57 27.88 1.47 3.96
CA ASP D 57 27.48 2.78 4.49
C ASP D 57 26.03 2.73 4.97
N GLY D 58 25.17 2.05 4.22
CA GLY D 58 23.80 1.78 4.63
C GLY D 58 22.79 2.90 4.38
N ARG D 59 23.27 4.05 3.94
CA ARG D 59 22.38 5.20 3.71
C ARG D 59 21.64 5.15 2.38
N LEU D 60 22.34 4.79 1.30
CA LEU D 60 21.78 4.79 -0.05
C LEU D 60 20.68 3.75 -0.23
N ARG D 61 19.63 4.14 -0.97
CA ARG D 61 18.46 3.29 -1.19
C ARG D 61 18.12 3.17 -2.67
N VAL D 62 17.66 1.99 -3.07
CA VAL D 62 17.12 1.77 -4.42
C VAL D 62 16.00 2.80 -4.67
N ASN D 63 16.06 3.45 -5.84
CA ASN D 63 15.13 4.51 -6.25
C ASN D 63 15.56 5.92 -5.87
N ASP D 64 16.69 6.04 -5.17
CA ASP D 64 17.29 7.35 -4.89
C ASP D 64 17.75 7.98 -6.20
N CYS D 65 17.34 9.22 -6.43
CA CYS D 65 17.79 9.98 -7.59
C CYS D 65 19.10 10.70 -7.25
N ILE D 66 20.12 10.52 -8.09
CA ILE D 66 21.41 11.18 -7.90
C ILE D 66 21.43 12.54 -8.61
N LEU D 67 21.66 13.60 -7.84
CA LEU D 67 21.64 14.97 -8.35
C LEU D 67 23.05 15.50 -8.64
N ARG D 68 23.99 15.13 -7.77
CA ARG D 68 25.38 15.57 -7.90
C ARG D 68 26.35 14.47 -7.49
N VAL D 69 27.44 14.35 -8.25
CA VAL D 69 28.56 13.50 -7.89
C VAL D 69 29.76 14.41 -7.71
N ASN D 70 30.26 14.49 -6.47
CA ASN D 70 31.26 15.50 -6.09
C ASN D 70 30.85 16.90 -6.57
N GLU D 71 31.60 17.49 -7.50
CA GLU D 71 31.23 18.80 -8.05
C GLU D 71 30.51 18.68 -9.40
N VAL D 72 30.30 17.45 -9.86
CA VAL D 72 29.65 17.22 -11.15
C VAL D 72 28.13 17.09 -11.03
N ASP D 73 27.45 18.17 -11.41
CA ASP D 73 26.00 18.19 -11.54
C ASP D 73 25.59 17.19 -12.61
N VAL D 74 24.71 16.26 -12.25
CA VAL D 74 24.27 15.20 -13.16
C VAL D 74 22.75 15.17 -13.39
N ARG D 75 22.09 16.30 -13.14
CA ARG D 75 20.63 16.39 -13.24
C ARG D 75 20.12 16.47 -14.68
N ASP D 76 20.90 17.06 -15.57
CA ASP D 76 20.54 17.11 -16.99
C ASP D 76 21.69 16.62 -17.86
N VAL D 77 22.06 15.36 -17.67
CA VAL D 77 23.10 14.72 -18.47
C VAL D 77 22.62 13.41 -19.08
N THR D 78 23.34 12.94 -20.09
CA THR D 78 23.12 11.63 -20.67
C THR D 78 23.44 10.56 -19.61
N HIS D 79 22.97 9.34 -19.85
CA HIS D 79 23.29 8.22 -18.98
C HIS D 79 24.80 8.00 -18.94
N SER D 80 25.46 8.23 -20.07
CA SER D 80 26.88 7.98 -20.26
C SER D 80 27.75 8.90 -19.41
N LYS D 81 27.46 10.20 -19.45
CA LYS D 81 28.22 11.21 -18.71
C LYS D 81 28.11 11.05 -17.20
N ALA D 82 26.99 10.47 -16.75
CA ALA D 82 26.76 10.21 -15.32
C ALA D 82 27.49 8.96 -14.86
N VAL D 83 27.66 8.00 -15.77
CA VAL D 83 28.49 6.82 -15.52
C VAL D 83 29.96 7.24 -15.45
N GLU D 84 30.32 8.20 -16.31
CA GLU D 84 31.66 8.78 -16.36
C GLU D 84 32.03 9.48 -15.06
N ALA D 85 31.22 10.45 -14.65
CA ALA D 85 31.45 11.21 -13.41
C ALA D 85 31.56 10.30 -12.20
N LEU D 86 30.73 9.26 -12.13
CA LEU D 86 30.80 8.26 -11.08
C LEU D 86 32.11 7.46 -11.13
N LYS D 87 32.55 7.13 -12.35
CA LYS D 87 33.80 6.39 -12.56
C LYS D 87 35.06 7.26 -12.44
N GLU D 88 34.87 8.57 -12.45
CA GLU D 88 35.97 9.54 -12.57
C GLU D 88 36.23 10.27 -11.24
N ALA D 89 35.37 10.00 -10.26
CA ALA D 89 35.30 10.81 -9.03
C ALA D 89 36.37 10.52 -7.98
N GLY D 90 37.24 9.55 -8.24
CA GLY D 90 38.33 9.23 -7.32
C GLY D 90 37.94 8.25 -6.23
N SER D 91 38.61 8.38 -5.08
CA SER D 91 38.45 7.43 -3.98
C SER D 91 37.39 7.79 -2.95
N ILE D 92 37.09 9.08 -2.81
CA ILE D 92 35.99 9.55 -1.96
C ILE D 92 34.92 10.12 -2.87
N VAL D 93 33.76 9.48 -2.88
CA VAL D 93 32.66 9.92 -3.74
C VAL D 93 31.52 10.48 -2.89
N ARG D 94 31.29 11.77 -3.02
CA ARG D 94 30.18 12.43 -2.35
C ARG D 94 28.97 12.45 -3.29
N LEU D 95 27.90 11.79 -2.86
CA LEU D 95 26.67 11.71 -3.63
C LEU D 95 25.60 12.59 -3.02
N TYR D 96 25.02 13.47 -3.82
CA TYR D 96 23.91 14.29 -3.38
C TYR D 96 22.65 13.69 -3.98
N VAL D 97 21.83 13.08 -3.12
CA VAL D 97 20.66 12.32 -3.57
C VAL D 97 19.34 12.86 -3.02
N LYS D 98 18.25 12.52 -3.68
CA LYS D 98 16.92 12.80 -3.17
C LYS D 98 16.07 11.53 -3.15
N ARG D 99 15.25 11.40 -2.11
CA ARG D 99 14.35 10.25 -2.01
C ARG D 99 12.91 10.67 -1.73
N ARG D 100 11.99 9.80 -2.12
CA ARG D 100 10.56 9.98 -1.90
C ARG D 100 10.12 9.29 -0.61
N TYR E 10 -4.86 -4.63 18.12
CA TYR E 10 -4.27 -5.99 18.18
C TYR E 10 -5.35 -7.05 18.40
N GLU E 11 -5.32 -8.08 17.56
CA GLU E 11 -6.25 -9.21 17.66
C GLU E 11 -5.50 -10.45 18.16
N TYR E 12 -6.19 -11.25 18.97
CA TYR E 12 -5.58 -12.43 19.60
C TYR E 12 -6.31 -13.73 19.20
N GLU E 13 -5.54 -14.81 19.10
CA GLU E 13 -6.08 -16.13 18.73
C GLU E 13 -5.16 -17.25 19.21
N GLU E 14 -5.76 -18.33 19.70
CA GLU E 14 -5.03 -19.55 20.03
C GLU E 14 -4.85 -20.37 18.76
N ILE E 15 -3.71 -21.07 18.65
CA ILE E 15 -3.46 -21.98 17.54
C ILE E 15 -2.96 -23.34 18.05
N THR E 16 -3.78 -24.37 17.83
CA THR E 16 -3.46 -25.74 18.23
C THR E 16 -2.82 -26.49 17.07
N LEU E 17 -1.57 -26.92 17.26
CA LEU E 17 -0.84 -27.68 16.26
C LEU E 17 -0.52 -29.09 16.75
N GLU E 18 -0.35 -30.02 15.81
CA GLU E 18 0.24 -31.31 16.12
C GLU E 18 1.69 -31.29 15.69
N ARG E 19 2.55 -31.88 16.50
CA ARG E 19 3.96 -32.03 16.15
C ARG E 19 4.03 -32.89 14.89
N GLY E 20 4.41 -32.26 13.79
CA GLY E 20 4.57 -32.96 12.52
C GLY E 20 5.85 -33.77 12.50
N ASN E 21 6.09 -34.39 11.34
CA ASN E 21 7.28 -35.19 11.08
C ASN E 21 8.58 -34.47 11.45
N SER E 22 8.74 -33.25 10.95
CA SER E 22 9.91 -32.42 11.24
C SER E 22 9.58 -31.27 12.18
N GLY E 23 8.59 -31.49 13.06
CA GLY E 23 8.24 -30.51 14.07
C GLY E 23 6.95 -29.77 13.78
N LEU E 24 6.91 -28.50 14.20
CA LEU E 24 5.69 -27.70 14.09
C LEU E 24 5.60 -26.93 12.78
N GLY E 25 6.70 -26.87 12.04
CA GLY E 25 6.72 -26.35 10.68
C GLY E 25 6.78 -24.84 10.54
N PHE E 26 7.51 -24.18 11.43
CA PHE E 26 7.77 -22.74 11.33
C PHE E 26 9.10 -22.35 11.98
N SER E 27 9.57 -21.15 11.70
CA SER E 27 10.79 -20.61 12.30
C SER E 27 10.46 -19.41 13.17
N ILE E 28 11.20 -19.25 14.27
CA ILE E 28 10.99 -18.10 15.17
C ILE E 28 12.24 -17.24 15.35
N ALA E 29 12.01 -15.95 15.58
CA ALA E 29 13.03 -15.01 15.99
C ALA E 29 12.57 -14.29 17.25
N GLY E 30 13.38 -13.34 17.72
CA GLY E 30 13.03 -12.55 18.91
C GLY E 30 13.55 -13.13 20.20
N GLY E 31 13.29 -12.42 21.29
CA GLY E 31 13.77 -12.80 22.62
C GLY E 31 14.58 -11.70 23.28
N SER E 41 11.36 -7.61 22.27
CA SER E 41 11.88 -8.90 22.68
C SER E 41 10.82 -10.00 22.61
N SER E 42 9.78 -9.76 21.82
CA SER E 42 8.68 -10.73 21.65
C SER E 42 9.07 -11.84 20.68
N ILE E 43 8.56 -13.04 20.96
CA ILE E 43 8.81 -14.21 20.12
C ILE E 43 7.82 -14.24 18.95
N PHE E 44 8.35 -14.23 17.72
CA PHE E 44 7.50 -14.16 16.53
C PHE E 44 7.91 -15.07 15.37
N ILE E 45 6.97 -15.33 14.48
CA ILE E 45 7.19 -16.17 13.30
C ILE E 45 7.87 -15.39 12.18
N THR E 46 8.78 -16.07 11.47
CA THR E 46 9.52 -15.47 10.35
C THR E 46 9.30 -16.23 9.04
N LYS E 47 8.98 -17.51 9.16
CA LYS E 47 8.84 -18.40 8.01
C LYS E 47 8.02 -19.61 8.42
N ILE E 48 7.00 -19.92 7.62
CA ILE E 48 6.23 -21.14 7.83
C ILE E 48 6.57 -22.14 6.73
N ILE E 49 7.14 -23.28 7.15
CA ILE E 49 7.60 -24.32 6.25
C ILE E 49 6.44 -24.90 5.45
N THR E 50 6.38 -24.55 4.17
CA THR E 50 5.31 -25.01 3.28
C THR E 50 5.17 -26.52 3.28
N GLY E 51 3.94 -26.98 3.47
CA GLY E 51 3.65 -28.41 3.61
C GLY E 51 3.65 -28.87 5.07
N GLY E 52 4.23 -28.06 5.94
CA GLY E 52 4.38 -28.42 7.36
C GLY E 52 3.12 -28.32 8.19
N ALA E 53 3.25 -28.59 9.49
CA ALA E 53 2.12 -28.63 10.41
C ALA E 53 1.39 -27.29 10.55
N ALA E 54 2.15 -26.20 10.65
CA ALA E 54 1.59 -24.86 10.74
C ALA E 54 0.93 -24.46 9.41
N ALA E 55 1.55 -24.86 8.30
CA ALA E 55 1.04 -24.60 6.97
C ALA E 55 -0.25 -25.37 6.68
N GLN E 56 -0.34 -26.59 7.19
CA GLN E 56 -1.50 -27.45 6.95
C GLN E 56 -2.75 -26.99 7.72
N ASP E 57 -2.58 -26.60 8.98
CA ASP E 57 -3.66 -26.03 9.78
C ASP E 57 -4.08 -24.68 9.21
N GLY E 58 -3.10 -23.85 8.86
CA GLY E 58 -3.33 -22.61 8.11
C GLY E 58 -3.84 -21.40 8.88
N ARG E 59 -3.69 -21.39 10.20
CA ARG E 59 -4.08 -20.25 11.01
C ARG E 59 -2.90 -19.33 11.33
N LEU E 60 -1.71 -19.93 11.47
CA LEU E 60 -0.49 -19.21 11.78
C LEU E 60 0.03 -18.45 10.56
N ARG E 61 0.65 -17.29 10.80
CA ARG E 61 1.18 -16.43 9.73
C ARG E 61 2.62 -16.01 10.04
N VAL E 62 3.31 -15.50 9.03
CA VAL E 62 4.60 -14.85 9.25
C VAL E 62 4.35 -13.53 9.98
N ASN E 63 5.20 -13.23 10.97
CA ASN E 63 5.11 -12.01 11.79
C ASN E 63 4.25 -12.18 13.05
N ASP E 64 3.60 -13.33 13.19
CA ASP E 64 2.72 -13.60 14.33
C ASP E 64 3.49 -13.68 15.65
N CYS E 65 3.10 -12.86 16.61
CA CYS E 65 3.77 -12.80 17.91
C CYS E 65 3.24 -13.85 18.88
N ILE E 66 4.05 -14.88 19.14
CA ILE E 66 3.72 -15.89 20.14
C ILE E 66 3.91 -15.32 21.54
N LEU E 67 2.90 -15.49 22.38
CA LEU E 67 2.95 -15.01 23.76
C LEU E 67 3.11 -16.16 24.74
N ARG E 68 2.64 -17.35 24.35
CA ARG E 68 2.50 -18.46 25.27
C ARG E 68 2.45 -19.81 24.56
N VAL E 69 3.15 -20.78 25.12
CA VAL E 69 3.14 -22.14 24.59
C VAL E 69 2.62 -23.08 25.67
N ASN E 70 1.50 -23.74 25.38
CA ASN E 70 0.79 -24.57 26.35
C ASN E 70 0.50 -23.83 27.67
N GLU E 71 1.24 -24.16 28.73
CA GLU E 71 1.12 -23.43 29.99
C GLU E 71 2.37 -22.62 30.32
N VAL E 72 3.37 -22.70 29.44
CA VAL E 72 4.64 -21.98 29.62
C VAL E 72 4.62 -20.64 28.89
N ASP E 73 4.67 -19.56 29.67
CA ASP E 73 4.69 -18.20 29.14
C ASP E 73 6.05 -17.87 28.56
N VAL E 74 6.04 -17.24 27.38
CA VAL E 74 7.28 -16.89 26.67
C VAL E 74 7.34 -15.40 26.27
N ARG E 75 6.57 -14.57 26.96
CA ARG E 75 6.48 -13.14 26.64
C ARG E 75 7.78 -12.38 26.92
N ASP E 76 8.52 -12.80 27.94
CA ASP E 76 9.82 -12.21 28.23
C ASP E 76 10.85 -13.25 28.65
N VAL E 77 11.32 -14.01 27.65
CA VAL E 77 12.33 -15.04 27.84
C VAL E 77 13.39 -14.93 26.72
N THR E 78 14.48 -15.68 26.86
CA THR E 78 15.52 -15.72 25.83
C THR E 78 15.05 -16.53 24.63
N HIS E 79 15.83 -16.50 23.55
CA HIS E 79 15.53 -17.26 22.34
C HIS E 79 15.81 -18.75 22.52
N SER E 80 16.60 -19.09 23.53
CA SER E 80 16.89 -20.48 23.89
C SER E 80 15.78 -21.05 24.76
N LYS E 81 15.23 -20.22 25.65
CA LYS E 81 14.14 -20.63 26.55
C LYS E 81 12.81 -20.77 25.83
N ALA E 82 12.61 -19.97 24.78
CA ALA E 82 11.41 -20.05 23.95
C ALA E 82 11.48 -21.24 23.01
N VAL E 83 12.70 -21.58 22.60
CA VAL E 83 12.97 -22.79 21.83
C VAL E 83 12.74 -24.02 22.72
N GLU E 84 13.22 -23.93 23.97
CA GLU E 84 13.05 -24.99 24.97
C GLU E 84 11.57 -25.29 25.23
N ALA E 85 10.73 -24.25 25.15
CA ALA E 85 9.29 -24.41 25.28
C ALA E 85 8.70 -25.11 24.04
N LEU E 86 9.16 -24.72 22.86
CA LEU E 86 8.60 -25.19 21.60
C LEU E 86 8.99 -26.63 21.22
N LYS E 87 9.93 -27.21 21.97
CA LYS E 87 10.33 -28.61 21.78
C LYS E 87 9.79 -29.47 22.92
N GLU E 88 9.60 -28.86 24.10
CA GLU E 88 9.15 -29.57 25.31
C GLU E 88 7.64 -29.74 25.40
N ALA E 89 6.91 -29.09 24.49
CA ALA E 89 5.45 -28.95 24.59
C ALA E 89 4.65 -30.20 24.25
N GLY E 90 5.33 -31.25 23.78
CA GLY E 90 4.66 -32.51 23.47
C GLY E 90 4.06 -32.56 22.08
N SER E 91 3.07 -33.43 21.91
CA SER E 91 2.52 -33.73 20.58
C SER E 91 1.43 -32.76 20.10
N ILE E 92 0.56 -32.31 21.00
CA ILE E 92 -0.39 -31.26 20.68
C ILE E 92 0.10 -29.97 21.35
N VAL E 93 0.38 -28.97 20.53
CA VAL E 93 0.96 -27.72 21.03
C VAL E 93 -0.03 -26.57 20.87
N ARG E 94 -0.46 -26.01 22.01
CA ARG E 94 -1.34 -24.85 22.03
C ARG E 94 -0.52 -23.56 22.02
N LEU E 95 -0.72 -22.75 20.98
CA LEU E 95 0.03 -21.51 20.82
C LEU E 95 -0.87 -20.29 20.95
N TYR E 96 -0.57 -19.43 21.91
CA TYR E 96 -1.32 -18.20 22.10
C TYR E 96 -0.56 -17.03 21.49
N VAL E 97 -1.08 -16.53 20.37
CA VAL E 97 -0.41 -15.49 19.59
C VAL E 97 -1.21 -14.18 19.56
N LYS E 98 -0.65 -13.18 18.90
CA LYS E 98 -1.34 -11.94 18.59
C LYS E 98 -0.87 -11.40 17.24
N ARG E 99 -1.68 -10.58 16.59
CA ARG E 99 -1.33 -9.99 15.30
C ARG E 99 -1.86 -8.57 15.10
N ARG E 100 -1.17 -7.83 14.25
CA ARG E 100 -1.52 -6.44 13.92
C ARG E 100 -2.85 -6.37 13.16
N MET F 9 -8.44 -19.19 2.84
CA MET F 9 -8.25 -17.80 2.46
C MET F 9 -8.14 -16.82 3.64
N TYR F 10 -9.26 -16.28 4.05
CA TYR F 10 -9.30 -15.25 5.09
C TYR F 10 -9.14 -15.85 6.49
N GLU F 11 -9.44 -15.04 7.50
CA GLU F 11 -9.38 -15.47 8.89
C GLU F 11 -10.81 -15.56 9.44
N TYR F 12 -11.03 -16.53 10.32
CA TYR F 12 -12.33 -16.70 10.97
C TYR F 12 -12.29 -16.31 12.43
N GLU F 13 -13.43 -15.82 12.92
CA GLU F 13 -13.48 -15.12 14.21
C GLU F 13 -14.88 -15.15 14.83
N GLU F 14 -14.93 -15.32 16.14
CA GLU F 14 -16.18 -15.22 16.88
C GLU F 14 -16.19 -13.98 17.78
N ILE F 15 -17.19 -13.12 17.55
CA ILE F 15 -17.36 -11.92 18.36
C ILE F 15 -18.76 -11.93 19.00
N THR F 16 -18.79 -11.92 20.33
CA THR F 16 -20.04 -11.81 21.06
C THR F 16 -20.17 -10.42 21.67
N LEU F 17 -21.28 -9.76 21.38
CA LEU F 17 -21.54 -8.39 21.84
C LEU F 17 -22.85 -8.28 22.58
N GLU F 18 -22.96 -7.27 23.44
CA GLU F 18 -24.22 -6.96 24.12
C GLU F 18 -24.92 -5.80 23.44
N ARG F 19 -26.23 -5.91 23.32
CA ARG F 19 -27.05 -4.83 22.78
C ARG F 19 -26.95 -3.62 23.70
N GLY F 20 -26.54 -2.49 23.15
CA GLY F 20 -26.56 -1.22 23.87
C GLY F 20 -27.91 -0.57 23.64
N ASN F 21 -28.10 0.62 24.24
CA ASN F 21 -29.32 1.38 24.03
C ASN F 21 -29.48 1.83 22.58
N SER F 22 -28.34 1.97 21.89
CA SER F 22 -28.32 2.30 20.46
C SER F 22 -27.82 1.12 19.63
N GLY F 23 -28.43 -0.05 19.83
CA GLY F 23 -28.15 -1.24 19.04
C GLY F 23 -26.81 -1.89 19.36
N LEU F 24 -26.21 -2.52 18.35
CA LEU F 24 -24.94 -3.22 18.50
C LEU F 24 -23.73 -2.33 18.21
N GLY F 25 -23.99 -1.14 17.68
CA GLY F 25 -22.94 -0.15 17.46
C GLY F 25 -22.16 -0.30 16.17
N PHE F 26 -22.81 -0.81 15.13
CA PHE F 26 -22.19 -0.90 13.80
C PHE F 26 -23.21 -0.86 12.65
N SER F 27 -22.75 -0.41 11.48
CA SER F 27 -23.56 -0.44 10.27
C SER F 27 -23.07 -1.51 9.31
N ILE F 28 -23.99 -2.04 8.51
CA ILE F 28 -23.68 -3.09 7.55
C ILE F 28 -24.20 -2.78 6.14
N ALA F 29 -23.46 -3.25 5.14
CA ALA F 29 -23.90 -3.22 3.76
C ALA F 29 -23.99 -4.64 3.26
N GLY F 30 -24.14 -4.81 1.95
CA GLY F 30 -24.18 -6.13 1.33
C GLY F 30 -25.55 -6.78 1.40
N GLY F 31 -25.59 -8.06 1.02
CA GLY F 31 -26.85 -8.77 0.85
C GLY F 31 -26.93 -9.30 -0.57
N THR F 32 -27.74 -10.35 -0.76
CA THR F 32 -27.89 -10.99 -2.07
C THR F 32 -28.55 -10.09 -3.11
N ASP F 33 -29.41 -9.20 -2.63
CA ASP F 33 -30.16 -8.29 -3.50
C ASP F 33 -29.56 -6.89 -3.53
N ASN F 34 -28.38 -6.75 -2.94
CA ASN F 34 -27.71 -5.46 -2.87
C ASN F 34 -26.54 -5.32 -3.83
N PRO F 35 -26.25 -4.14 -4.30
CA PRO F 35 -25.26 -3.98 -5.36
C PRO F 35 -23.87 -4.41 -4.93
N HIS F 36 -23.29 -5.39 -5.61
CA HIS F 36 -22.03 -5.98 -5.19
C HIS F 36 -21.05 -6.57 -6.20
N ILE F 37 -20.83 -6.02 -7.37
CA ILE F 37 -19.83 -6.69 -8.20
C ILE F 37 -20.14 -8.12 -8.68
N GLY F 38 -19.16 -9.00 -8.49
CA GLY F 38 -19.27 -10.39 -8.89
C GLY F 38 -19.48 -11.35 -7.75
N ASP F 39 -19.12 -10.87 -6.58
CA ASP F 39 -19.36 -11.49 -5.27
C ASP F 39 -18.10 -11.49 -4.39
N ASP F 40 -18.26 -11.78 -3.10
CA ASP F 40 -19.57 -12.18 -2.55
C ASP F 40 -20.58 -11.06 -2.41
N SER F 41 -21.83 -11.48 -2.29
CA SER F 41 -22.95 -10.61 -2.00
C SER F 41 -23.08 -10.55 -0.48
N SER F 42 -21.97 -10.83 0.19
CA SER F 42 -21.96 -11.01 1.63
C SER F 42 -22.25 -9.72 2.40
N ILE F 43 -22.74 -9.91 3.61
CA ILE F 43 -22.98 -8.82 4.56
C ILE F 43 -21.65 -8.40 5.15
N PHE F 44 -21.40 -7.09 5.22
CA PHE F 44 -20.13 -6.59 5.79
C PHE F 44 -20.25 -5.25 6.52
N ILE F 45 -19.30 -5.04 7.44
CA ILE F 45 -19.26 -3.82 8.27
C ILE F 45 -18.74 -2.64 7.46
N THR F 46 -19.51 -1.55 7.47
CA THR F 46 -19.07 -0.30 6.85
C THR F 46 -18.73 0.74 7.91
N LYS F 47 -19.42 0.65 9.05
CA LYS F 47 -19.29 1.64 10.11
C LYS F 47 -19.23 0.99 11.49
N ILE F 48 -18.33 1.47 12.34
CA ILE F 48 -18.29 1.08 13.75
C ILE F 48 -18.40 2.35 14.60
N ILE F 49 -19.48 2.45 15.37
CA ILE F 49 -19.77 3.66 16.15
C ILE F 49 -18.81 3.77 17.34
N THR F 50 -18.03 4.85 17.36
CA THR F 50 -17.15 5.13 18.48
C THR F 50 -17.97 5.47 19.71
N GLY F 51 -17.84 4.65 20.75
CA GLY F 51 -18.66 4.77 21.96
C GLY F 51 -19.65 3.63 22.11
N GLY F 52 -19.88 2.90 21.02
CA GLY F 52 -20.85 1.80 20.99
C GLY F 52 -20.29 0.44 21.37
N ALA F 53 -21.15 -0.57 21.33
CA ALA F 53 -20.85 -1.91 21.82
C ALA F 53 -19.78 -2.67 21.03
N ALA F 54 -19.80 -2.52 19.70
CA ALA F 54 -18.78 -3.12 18.85
C ALA F 54 -17.41 -2.53 19.16
N ALA F 55 -17.36 -1.21 19.31
CA ALA F 55 -16.12 -0.49 19.63
C ALA F 55 -15.60 -0.78 21.04
N GLN F 56 -16.52 -1.03 21.98
CA GLN F 56 -16.12 -1.32 23.36
C GLN F 56 -15.53 -2.72 23.53
N ASP F 57 -16.03 -3.68 22.74
CA ASP F 57 -15.46 -5.03 22.73
C ASP F 57 -14.02 -5.02 22.19
N GLY F 58 -13.86 -4.55 20.96
CA GLY F 58 -12.53 -4.31 20.39
C GLY F 58 -12.04 -5.30 19.35
N ARG F 59 -12.92 -6.18 18.88
CA ARG F 59 -12.54 -7.18 17.88
C ARG F 59 -13.04 -6.86 16.47
N LEU F 60 -14.32 -6.54 16.35
CA LEU F 60 -14.95 -6.29 15.04
C LEU F 60 -14.31 -5.11 14.31
N ARG F 61 -13.99 -5.33 13.03
CA ARG F 61 -13.40 -4.30 12.19
C ARG F 61 -14.32 -3.95 11.02
N VAL F 62 -14.10 -2.78 10.43
CA VAL F 62 -14.75 -2.42 9.17
C VAL F 62 -14.16 -3.33 8.08
N ASN F 63 -15.04 -3.80 7.19
CA ASN F 63 -14.70 -4.76 6.12
C ASN F 63 -14.86 -6.23 6.51
N ASP F 64 -15.16 -6.48 7.79
CA ASP F 64 -15.48 -7.82 8.27
C ASP F 64 -16.81 -8.28 7.72
N CYS F 65 -16.88 -9.53 7.29
CA CYS F 65 -18.13 -10.13 6.80
C CYS F 65 -18.79 -10.98 7.88
N ILE F 66 -20.08 -10.76 8.10
CA ILE F 66 -20.86 -11.56 9.05
C ILE F 66 -21.51 -12.75 8.35
N LEU F 67 -21.19 -13.96 8.82
CA LEU F 67 -21.67 -15.20 8.20
C LEU F 67 -22.87 -15.80 8.95
N ARG F 68 -22.85 -15.67 10.27
CA ARG F 68 -23.88 -16.26 11.11
C ARG F 68 -24.16 -15.37 12.32
N VAL F 69 -25.44 -15.17 12.61
CA VAL F 69 -25.87 -14.42 13.78
C VAL F 69 -26.66 -15.35 14.69
N ASN F 70 -26.11 -15.65 15.86
CA ASN F 70 -26.65 -16.67 16.77
C ASN F 70 -26.73 -18.04 16.09
N GLU F 71 -27.92 -18.52 15.75
CA GLU F 71 -28.02 -19.73 14.92
C GLU F 71 -28.73 -19.43 13.60
N VAL F 72 -28.53 -18.20 13.11
CA VAL F 72 -29.11 -17.75 11.85
C VAL F 72 -27.99 -17.40 10.85
N ASP F 73 -27.85 -18.25 9.84
CA ASP F 73 -26.89 -18.04 8.76
C ASP F 73 -27.31 -16.85 7.91
N VAL F 74 -26.34 -15.99 7.56
CA VAL F 74 -26.62 -14.76 6.80
C VAL F 74 -25.69 -14.54 5.59
N ARG F 75 -25.33 -15.64 4.92
CA ARG F 75 -24.40 -15.58 3.78
C ARG F 75 -25.13 -15.27 2.48
N ASP F 76 -26.08 -16.11 2.12
CA ASP F 76 -26.89 -15.92 0.92
C ASP F 76 -28.33 -15.55 1.23
N VAL F 77 -28.50 -14.52 2.05
CA VAL F 77 -29.81 -13.96 2.37
C VAL F 77 -29.90 -12.53 1.86
N THR F 78 -31.13 -12.03 1.73
CA THR F 78 -31.35 -10.65 1.34
C THR F 78 -30.90 -9.72 2.47
N HIS F 79 -30.67 -8.46 2.13
CA HIS F 79 -30.21 -7.46 3.09
C HIS F 79 -31.15 -7.34 4.28
N SER F 80 -32.45 -7.38 4.00
CA SER F 80 -33.51 -7.19 5.00
C SER F 80 -33.57 -8.30 6.06
N LYS F 81 -33.39 -9.55 5.63
CA LYS F 81 -33.43 -10.69 6.55
C LYS F 81 -32.18 -10.73 7.43
N ALA F 82 -31.07 -10.21 6.90
CA ALA F 82 -29.84 -10.05 7.66
C ALA F 82 -29.96 -8.92 8.69
N VAL F 83 -30.56 -7.81 8.27
CA VAL F 83 -30.89 -6.71 9.18
C VAL F 83 -31.85 -7.22 10.26
N GLU F 84 -32.88 -7.94 9.82
CA GLU F 84 -33.87 -8.58 10.69
C GLU F 84 -33.24 -9.52 11.73
N ALA F 85 -32.30 -10.35 11.28
CA ALA F 85 -31.61 -11.31 12.16
C ALA F 85 -30.82 -10.64 13.28
N LEU F 86 -30.10 -9.57 12.93
CA LEU F 86 -29.34 -8.80 13.91
C LEU F 86 -30.25 -8.04 14.86
N LYS F 87 -31.43 -7.65 14.38
CA LYS F 87 -32.40 -6.92 15.18
C LYS F 87 -33.18 -7.84 16.12
N GLU F 88 -33.38 -9.08 15.68
CA GLU F 88 -34.16 -10.06 16.42
C GLU F 88 -33.28 -10.82 17.41
N ALA F 89 -31.97 -10.71 17.21
CA ALA F 89 -30.96 -11.49 17.95
C ALA F 89 -31.10 -11.48 19.47
N GLY F 90 -31.48 -10.34 20.04
CA GLY F 90 -31.68 -10.23 21.49
C GLY F 90 -30.56 -9.50 22.20
N SER F 91 -30.44 -9.75 23.49
CA SER F 91 -29.45 -9.07 24.33
C SER F 91 -28.01 -9.51 24.03
N ILE F 92 -27.78 -10.81 23.96
CA ILE F 92 -26.46 -11.39 23.65
C ILE F 92 -26.41 -11.84 22.20
N VAL F 93 -25.53 -11.22 21.42
CA VAL F 93 -25.42 -11.50 19.99
C VAL F 93 -24.11 -12.19 19.65
N ARG F 94 -24.22 -13.43 19.19
CA ARG F 94 -23.05 -14.21 18.77
C ARG F 94 -22.80 -13.99 17.28
N LEU F 95 -21.64 -13.42 16.96
CA LEU F 95 -21.29 -13.08 15.59
C LEU F 95 -20.14 -13.94 15.07
N TYR F 96 -20.36 -14.54 13.92
CA TYR F 96 -19.36 -15.38 13.28
C TYR F 96 -18.94 -14.72 11.98
N VAL F 97 -17.74 -14.15 12.00
CA VAL F 97 -17.26 -13.31 10.92
C VAL F 97 -16.04 -13.89 10.21
N LYS F 98 -15.72 -13.33 9.05
CA LYS F 98 -14.45 -13.60 8.37
C LYS F 98 -13.82 -12.30 7.89
N ARG F 99 -12.50 -12.21 8.02
CA ARG F 99 -11.77 -11.01 7.59
C ARG F 99 -10.48 -11.36 6.83
N SER G 5 -20.08 -0.40 1.46
CA SER G 5 -20.32 0.78 0.58
C SER G 5 -21.02 1.90 1.33
N TYR G 6 -20.36 2.38 2.40
CA TYR G 6 -20.93 3.38 3.30
C TYR G 6 -21.40 4.65 2.61
N LEU G 7 -20.62 5.13 1.63
CA LEU G 7 -20.94 6.35 0.92
C LEU G 7 -21.31 6.08 -0.54
N VAL G 8 -22.55 6.40 -0.90
CA VAL G 8 -23.04 6.22 -2.26
C VAL G 8 -23.58 7.56 -2.77
N THR G 9 -22.88 8.14 -3.75
CA THR G 9 -23.28 9.44 -4.31
C THR G 9 -23.94 9.27 -5.67
N SER G 10 -25.12 9.87 -5.82
CA SER G 10 -25.88 9.81 -7.07
C SER G 10 -25.38 10.85 -8.06
N VAL G 11 -25.10 10.43 -9.28
CA VAL G 11 -24.57 11.31 -10.33
C VAL G 11 -25.49 11.40 -11.55
N TYR H 6 17.61 -7.83 -17.63
CA TYR H 6 16.75 -8.71 -16.77
C TYR H 6 15.51 -7.96 -16.25
N LEU H 7 15.68 -6.66 -16.02
CA LEU H 7 14.55 -5.77 -15.68
C LEU H 7 14.06 -5.06 -16.94
N VAL H 8 14.68 -5.41 -18.06
CA VAL H 8 14.25 -5.02 -19.41
C VAL H 8 13.99 -6.32 -20.16
N THR H 9 12.95 -6.37 -21.00
CA THR H 9 12.62 -7.58 -21.75
C THR H 9 12.03 -7.30 -23.13
N SER H 10 12.50 -8.06 -24.12
CA SER H 10 11.90 -8.07 -25.46
C SER H 10 10.67 -8.96 -25.47
N TYR I 6 16.32 1.31 -19.58
CA TYR I 6 17.23 1.17 -20.75
C TYR I 6 18.51 0.44 -20.36
N LEU I 7 19.62 1.18 -20.30
CA LEU I 7 20.90 0.60 -19.94
C LEU I 7 21.20 0.72 -18.45
N VAL I 8 21.56 -0.42 -17.87
CA VAL I 8 21.91 -0.50 -16.46
C VAL I 8 23.41 -0.70 -16.35
N THR I 9 24.06 0.18 -15.60
CA THR I 9 25.50 0.14 -15.41
C THR I 9 25.80 0.11 -13.91
N SER I 10 26.46 -0.97 -13.49
CA SER I 10 26.83 -1.15 -12.08
C SER I 10 28.19 -0.52 -11.78
N TYR J 6 -1.15 8.76 25.00
CA TYR J 6 -2.37 9.42 25.58
C TYR J 6 -2.28 10.93 25.40
N LEU J 7 -1.53 11.60 26.29
CA LEU J 7 -1.40 13.04 26.27
C LEU J 7 -0.45 13.51 25.18
N VAL J 8 -0.98 14.30 24.25
CA VAL J 8 -0.22 14.88 23.16
C VAL J 8 -0.11 16.39 23.41
N THR J 9 1.11 16.89 23.53
CA THR J 9 1.30 18.32 23.81
C THR J 9 1.80 19.05 22.56
N SER J 10 1.06 20.10 22.18
CA SER J 10 1.60 21.10 21.26
C SER J 10 2.77 21.72 22.00
N VAL J 11 3.96 21.63 21.42
CA VAL J 11 5.18 21.92 22.16
C VAL J 11 5.68 23.35 21.97
N LEU K 7 19.31 -14.19 15.24
CA LEU K 7 19.11 -15.66 15.38
C LEU K 7 17.83 -16.15 14.70
N VAL K 8 17.93 -17.27 13.98
CA VAL K 8 16.78 -17.90 13.34
C VAL K 8 16.84 -19.43 13.51
N THR K 9 15.96 -19.95 14.37
CA THR K 9 15.82 -21.39 14.59
C THR K 9 14.55 -21.88 13.92
N SER K 10 14.61 -23.09 13.35
CA SER K 10 13.42 -23.73 12.77
C SER K 10 12.75 -24.66 13.78
N VAL K 11 11.49 -24.40 14.06
CA VAL K 11 10.74 -25.12 15.09
C VAL K 11 10.13 -26.42 14.54
N LEU L 7 -29.58 0.03 1.66
CA LEU L 7 -28.22 -0.27 1.11
C LEU L 7 -27.20 -0.39 2.23
N VAL L 8 -27.29 0.54 3.19
CA VAL L 8 -26.46 0.53 4.40
C VAL L 8 -27.38 0.83 5.59
N THR L 9 -27.36 -0.05 6.59
CA THR L 9 -28.22 0.12 7.76
C THR L 9 -27.45 0.00 9.07
N SER L 10 -27.84 0.78 10.06
CA SER L 10 -27.29 0.68 11.41
C SER L 10 -28.02 -0.39 12.22
#